data_9RE8
#
_entry.id   9RE8
#
_cell.length_a   51.913
_cell.length_b   71.200
_cell.length_c   97.147
_cell.angle_alpha   90.000
_cell.angle_beta   90.000
_cell.angle_gamma   90.000
#
_symmetry.space_group_name_H-M   'P 21 21 21'
#
loop_
_entity.id
_entity.type
_entity.pdbx_description
1 polymer 'cAMP-dependent protein kinase catalytic subunit alpha'
2 non-polymer 'methyl 2-[(3~{S})-pyrrolidin-3-yl]-1~{H}-benzimidazole-5-carboxylate'
3 non-polymer 'DIMETHYL SULFOXIDE'
4 water water
#
_entity_poly.entity_id   1
_entity_poly.type   'polypeptide(L)'
_entity_poly.pdbx_seq_one_letter_code
;GHMGNAAAAKKGSEQESVKEFLAKAKEEFLKKWESPSQNTAQLDHFDRIKTLGTGSFGRVMLVKHKETGNHYAMKILDKQ
KVVKLKQIEHTLNEKRILQAVNFPFLVKLEFSFKDNSNLYMVMEYVPGGEMFSHLRRIGRF(SEP)EPHARFYAAQIVLT
FEYLHSLDLIYRDLKPENLLIDQQGYIQVTDFGFAKRVKGRTW(TPO)LCGTPEYLAPEIILSKGYNKAVDWWALGVLIY
EMAAGYPPFFADQPIQIYEKIVSGKVRFPSHFSSDLKDLLRNLLQVDLTKRFGNLKNGVNDIKNHKWFATTDWIAIYQRK
VEAPFIPKFKGPGDTSNFDDYEEEEIRV(SEP)INEKCGKEFTEF
;
_entity_poly.pdbx_strand_id   A
#
loop_
_chem_comp.id
_chem_comp.type
_chem_comp.name
_chem_comp.formula
A1JEQ non-polymer 'methyl 2-[(3~{S})-pyrrolidin-3-yl]-1~{H}-benzimidazole-5-carboxylate' 'C13 H15 N3 O2'
DMS non-polymer 'DIMETHYL SULFOXIDE' 'C2 H6 O S'
#
# COMPACT_ATOMS: atom_id res chain seq x y z
N GLN A 15 -19.84 -14.72 9.27
CA GLN A 15 -20.44 -15.81 8.50
C GLN A 15 -19.38 -16.83 8.13
N GLU A 16 -19.77 -18.11 8.12
CA GLU A 16 -18.84 -19.20 7.84
C GLU A 16 -18.16 -19.03 6.49
N SER A 17 -18.87 -18.45 5.52
N SER A 17 -18.86 -18.43 5.52
CA SER A 17 -18.30 -18.23 4.20
CA SER A 17 -18.24 -18.29 4.20
C SER A 17 -17.05 -17.35 4.28
C SER A 17 -17.05 -17.33 4.25
N VAL A 18 -17.10 -16.31 5.11
CA VAL A 18 -15.96 -15.41 5.25
C VAL A 18 -14.84 -16.09 6.05
N LYS A 19 -15.21 -16.83 7.10
CA LYS A 19 -14.21 -17.56 7.88
C LYS A 19 -13.49 -18.59 7.03
N GLU A 20 -14.21 -19.34 6.20
CA GLU A 20 -13.57 -20.32 5.36
C GLU A 20 -12.71 -19.64 4.29
N PHE A 21 -13.16 -18.50 3.77
CA PHE A 21 -12.35 -17.77 2.80
C PHE A 21 -11.01 -17.38 3.41
N LEU A 22 -11.02 -16.79 4.61
CA LEU A 22 -9.78 -16.34 5.21
C LEU A 22 -8.88 -17.50 5.65
N ALA A 23 -9.48 -18.64 6.04
CA ALA A 23 -8.68 -19.80 6.37
C ALA A 23 -7.94 -20.34 5.14
N LYS A 24 -8.64 -20.42 4.00
CA LYS A 24 -8.01 -20.81 2.75
C LYS A 24 -6.96 -19.78 2.32
N ALA A 25 -7.27 -18.50 2.47
CA ALA A 25 -6.29 -17.46 2.12
C ALA A 25 -5.00 -17.62 2.91
N LYS A 26 -5.10 -17.90 4.21
CA LYS A 26 -3.90 -18.09 5.02
C LYS A 26 -3.13 -19.35 4.63
N GLU A 27 -3.85 -20.44 4.32
CA GLU A 27 -3.18 -21.66 3.86
C GLU A 27 -2.36 -21.40 2.62
N GLU A 28 -2.95 -20.71 1.64
CA GLU A 28 -2.26 -20.50 0.38
C GLU A 28 -1.09 -19.54 0.56
N PHE A 29 -1.27 -18.48 1.38
CA PHE A 29 -0.16 -17.59 1.70
C PHE A 29 0.99 -18.36 2.36
N LEU A 30 0.68 -19.19 3.36
CA LEU A 30 1.77 -19.84 4.09
C LEU A 30 2.58 -20.78 3.20
N LYS A 31 1.93 -21.46 2.25
CA LYS A 31 2.68 -22.34 1.36
C LYS A 31 3.74 -21.57 0.56
N LYS A 32 3.34 -20.42 -0.02
CA LYS A 32 4.31 -19.60 -0.73
C LYS A 32 5.31 -18.91 0.20
N TRP A 33 4.86 -18.54 1.40
CA TRP A 33 5.74 -17.89 2.37
C TRP A 33 6.88 -18.79 2.77
N GLU A 34 6.58 -20.06 2.95
CA GLU A 34 7.59 -21.01 3.41
C GLU A 34 8.52 -21.48 2.30
N SER A 35 8.13 -21.32 1.04
CA SER A 35 8.94 -21.71 -0.12
C SER A 35 8.88 -20.64 -1.19
N PRO A 36 9.56 -19.52 -0.99
CA PRO A 36 9.44 -18.39 -1.92
C PRO A 36 10.04 -18.67 -3.28
N SER A 37 9.44 -18.10 -4.32
CA SER A 37 10.07 -18.15 -5.62
C SER A 37 11.24 -17.17 -5.70
N GLN A 38 12.23 -17.52 -6.52
CA GLN A 38 13.42 -16.71 -6.71
C GLN A 38 13.84 -16.80 -8.17
N ASN A 39 14.46 -15.72 -8.66
CA ASN A 39 15.22 -15.74 -9.91
C ASN A 39 14.36 -16.18 -11.11
N THR A 40 13.25 -15.51 -11.33
CA THR A 40 12.30 -15.97 -12.33
C THR A 40 12.34 -15.16 -13.63
N ALA A 41 13.27 -14.21 -13.78
CA ALA A 41 13.59 -13.58 -15.08
C ALA A 41 15.00 -12.97 -15.00
N GLN A 42 15.39 -12.20 -16.02
CA GLN A 42 16.61 -11.41 -15.93
C GLN A 42 16.42 -10.10 -16.68
N LEU A 43 17.35 -9.17 -16.47
CA LEU A 43 17.12 -7.80 -16.95
C LEU A 43 17.02 -7.71 -18.47
N ASP A 44 17.87 -8.46 -19.18
CA ASP A 44 17.84 -8.32 -20.64
C ASP A 44 16.70 -9.10 -21.28
N HIS A 45 15.75 -9.61 -20.50
CA HIS A 45 14.47 -10.06 -21.04
C HIS A 45 13.50 -8.91 -21.29
N PHE A 46 13.86 -7.70 -20.88
CA PHE A 46 12.98 -6.54 -20.93
C PHE A 46 13.62 -5.38 -21.67
N ASP A 47 12.77 -4.58 -22.31
CA ASP A 47 13.13 -3.26 -22.82
C ASP A 47 12.68 -2.21 -21.81
N ARG A 48 13.55 -1.25 -21.52
CA ARG A 48 13.19 -0.15 -20.64
C ARG A 48 12.44 0.92 -21.44
N ILE A 49 11.33 1.42 -20.89
N ILE A 49 11.33 1.40 -20.90
CA ILE A 49 10.45 2.38 -21.59
CA ILE A 49 10.59 2.44 -21.59
C ILE A 49 10.49 3.76 -20.94
C ILE A 49 10.78 3.77 -20.86
N LYS A 50 10.29 3.85 -19.62
CA LYS A 50 10.19 5.15 -18.96
C LYS A 50 10.28 5.00 -17.46
N THR A 51 10.86 5.99 -16.80
CA THR A 51 10.83 6.02 -15.34
C THR A 51 9.49 6.54 -14.87
N LEU A 52 8.80 5.77 -14.04
CA LEU A 52 7.49 6.15 -13.53
C LEU A 52 7.53 6.81 -12.17
N GLY A 53 8.62 6.63 -11.42
CA GLY A 53 8.76 7.20 -10.09
C GLY A 53 10.14 6.92 -9.54
N THR A 54 10.67 7.80 -8.69
CA THR A 54 12.04 7.63 -8.23
C THR A 54 12.31 8.20 -6.84
N PHE A 57 16.75 5.05 -2.78
CA PHE A 57 17.36 3.73 -2.95
C PHE A 57 16.79 2.95 -4.13
N GLY A 58 15.65 3.44 -4.67
CA GLY A 58 14.89 2.72 -5.67
C GLY A 58 14.05 3.57 -6.63
N ARG A 59 13.76 2.97 -7.78
CA ARG A 59 12.97 3.58 -8.84
C ARG A 59 11.95 2.56 -9.32
N VAL A 60 10.91 3.03 -9.99
CA VAL A 60 9.96 2.15 -10.68
C VAL A 60 9.98 2.54 -12.16
N MET A 61 10.21 1.54 -13.01
N MET A 61 10.23 1.57 -13.03
CA MET A 61 10.31 1.68 -14.46
CA MET A 61 10.30 1.86 -14.47
C MET A 61 9.14 1.00 -15.14
C MET A 61 9.34 0.98 -15.25
N LEU A 62 8.66 1.58 -16.23
CA LEU A 62 7.84 0.82 -17.17
C LEU A 62 8.79 0.07 -18.09
N VAL A 63 8.57 -1.25 -18.21
CA VAL A 63 9.35 -2.12 -19.08
C VAL A 63 8.40 -2.95 -19.93
N LYS A 64 8.93 -3.49 -21.03
CA LYS A 64 8.17 -4.38 -21.90
C LYS A 64 8.95 -5.67 -22.07
N HIS A 65 8.27 -6.79 -21.87
CA HIS A 65 8.92 -8.09 -22.06
C HIS A 65 9.15 -8.35 -23.54
N LYS A 66 10.38 -8.70 -23.91
CA LYS A 66 10.75 -8.70 -25.31
C LYS A 66 10.11 -9.85 -26.08
N GLU A 67 9.76 -10.93 -25.41
CA GLU A 67 9.15 -12.07 -26.09
C GLU A 67 7.63 -11.98 -26.13
N THR A 68 7.00 -11.64 -25.00
CA THR A 68 5.55 -11.61 -24.97
C THR A 68 4.95 -10.27 -25.35
N GLY A 69 5.70 -9.19 -25.21
CA GLY A 69 5.16 -7.87 -25.42
C GLY A 69 4.39 -7.29 -24.24
N ASN A 70 4.29 -8.02 -23.13
CA ASN A 70 3.54 -7.53 -21.99
C ASN A 70 4.30 -6.41 -21.26
N HIS A 71 3.53 -5.48 -20.69
CA HIS A 71 4.09 -4.36 -19.94
C HIS A 71 4.10 -4.63 -18.45
N TYR A 72 5.16 -4.16 -17.80
CA TYR A 72 5.35 -4.35 -16.38
C TYR A 72 5.93 -3.10 -15.74
N ALA A 73 5.67 -2.96 -14.43
CA ALA A 73 6.36 -1.98 -13.62
C ALA A 73 7.47 -2.69 -12.87
N MET A 74 8.70 -2.29 -13.13
CA MET A 74 9.89 -2.93 -12.56
C MET A 74 10.42 -2.02 -11.48
N LYS A 75 10.33 -2.47 -10.23
CA LYS A 75 10.93 -1.76 -9.11
C LYS A 75 12.39 -2.20 -8.99
N ILE A 76 13.29 -1.22 -9.00
CA ILE A 76 14.73 -1.48 -8.96
C ILE A 76 15.29 -0.91 -7.69
N LEU A 77 15.96 -1.74 -6.90
CA LEU A 77 16.60 -1.31 -5.66
C LEU A 77 18.10 -1.54 -5.76
N ASP A 78 18.88 -0.50 -5.46
CA ASP A 78 20.35 -0.61 -5.45
C ASP A 78 20.79 -1.26 -4.13
N LYS A 79 21.42 -2.42 -4.22
CA LYS A 79 21.78 -3.18 -3.02
C LYS A 79 22.65 -2.38 -2.07
N GLN A 80 23.64 -1.67 -2.60
CA GLN A 80 24.51 -0.88 -1.71
C GLN A 80 23.71 0.21 -1.00
N LYS A 81 22.75 0.84 -1.67
CA LYS A 81 21.95 1.86 -0.99
C LYS A 81 20.98 1.25 0.03
N VAL A 82 20.45 0.06 -0.26
CA VAL A 82 19.60 -0.61 0.72
C VAL A 82 20.36 -0.83 2.02
N VAL A 83 21.59 -1.36 1.91
CA VAL A 83 22.42 -1.60 3.08
C VAL A 83 22.70 -0.31 3.85
N LYS A 84 23.06 0.76 3.12
CA LYS A 84 23.42 2.02 3.79
C LYS A 84 22.21 2.63 4.51
N LEU A 85 21.02 2.52 3.92
CA LEU A 85 19.81 3.04 4.55
C LEU A 85 19.16 2.04 5.50
N LYS A 86 19.87 0.95 5.81
CA LYS A 86 19.46 -0.02 6.83
C LYS A 86 18.10 -0.64 6.51
N GLN A 87 17.86 -0.92 5.22
CA GLN A 87 16.60 -1.46 4.76
C GLN A 87 16.69 -2.92 4.28
N ILE A 88 17.71 -3.67 4.70
CA ILE A 88 17.85 -5.04 4.21
C ILE A 88 16.65 -5.90 4.58
N GLU A 89 16.33 -5.96 5.88
CA GLU A 89 15.21 -6.76 6.33
C GLU A 89 13.91 -6.33 5.65
N HIS A 90 13.72 -5.01 5.53
CA HIS A 90 12.50 -4.49 4.92
C HIS A 90 12.37 -4.90 3.47
N THR A 91 13.48 -4.87 2.71
N THR A 91 13.49 -4.85 2.73
CA THR A 91 13.37 -5.24 1.31
CA THR A 91 13.46 -5.25 1.32
C THR A 91 13.19 -6.75 1.14
C THR A 91 13.16 -6.74 1.18
N LEU A 92 13.78 -7.56 2.04
CA LEU A 92 13.49 -8.99 2.02
C LEU A 92 12.04 -9.27 2.39
N ASN A 93 11.49 -8.51 3.37
CA ASN A 93 10.07 -8.61 3.69
C ASN A 93 9.23 -8.34 2.43
N GLU A 94 9.52 -7.23 1.76
CA GLU A 94 8.69 -6.81 0.63
C GLU A 94 8.57 -7.92 -0.41
N LYS A 95 9.69 -8.48 -0.84
CA LYS A 95 9.60 -9.46 -1.92
C LYS A 95 8.98 -10.76 -1.41
N ARG A 96 9.33 -11.19 -0.20
CA ARG A 96 8.76 -12.43 0.32
C ARG A 96 7.25 -12.34 0.47
N ILE A 97 6.75 -11.18 0.93
CA ILE A 97 5.31 -11.00 1.05
C ILE A 97 4.65 -10.91 -0.33
N LEU A 98 5.19 -10.09 -1.22
CA LEU A 98 4.54 -9.89 -2.52
C LEU A 98 4.44 -11.19 -3.31
N GLN A 99 5.47 -12.05 -3.23
CA GLN A 99 5.35 -13.29 -3.97
C GLN A 99 4.39 -14.28 -3.32
N ALA A 100 3.92 -14.02 -2.10
CA ALA A 100 3.04 -14.94 -1.40
C ALA A 100 1.57 -14.52 -1.34
N VAL A 101 1.24 -13.25 -1.59
CA VAL A 101 -0.14 -12.81 -1.42
C VAL A 101 -0.91 -12.94 -2.74
N ASN A 102 -2.24 -12.84 -2.62
CA ASN A 102 -3.16 -12.97 -3.75
C ASN A 102 -4.49 -12.36 -3.30
N PHE A 103 -4.84 -11.19 -3.83
CA PHE A 103 -6.08 -10.53 -3.43
C PHE A 103 -6.44 -9.53 -4.51
N PRO A 104 -7.74 -9.29 -4.76
CA PRO A 104 -8.11 -8.47 -5.93
C PRO A 104 -7.54 -7.08 -5.93
N PHE A 105 -7.20 -6.53 -4.76
CA PHE A 105 -6.75 -5.14 -4.70
C PHE A 105 -5.28 -5.01 -4.34
N LEU A 106 -4.48 -6.06 -4.57
CA LEU A 106 -3.04 -6.01 -4.39
C LEU A 106 -2.34 -6.13 -5.75
N VAL A 107 -1.25 -5.38 -5.93
CA VAL A 107 -0.43 -5.54 -7.13
C VAL A 107 0.05 -6.98 -7.25
N LYS A 108 0.26 -7.41 -8.49
CA LYS A 108 0.63 -8.78 -8.81
CA LYS A 108 0.64 -8.78 -8.79
C LYS A 108 2.12 -8.82 -9.18
N LEU A 109 2.93 -9.47 -8.34
CA LEU A 109 4.33 -9.70 -8.66
C LEU A 109 4.45 -10.86 -9.64
N GLU A 110 5.00 -10.60 -10.82
CA GLU A 110 5.14 -11.64 -11.83
C GLU A 110 6.54 -12.23 -11.89
N PHE A 111 7.57 -11.45 -11.63
CA PHE A 111 8.95 -11.92 -11.65
C PHE A 111 9.73 -11.23 -10.56
N SER A 112 10.78 -11.90 -10.07
CA SER A 112 11.79 -11.20 -9.30
C SER A 112 13.14 -11.81 -9.59
N PHE A 113 14.18 -11.01 -9.44
CA PHE A 113 15.54 -11.49 -9.67
C PHE A 113 16.51 -10.44 -9.14
N LYS A 114 17.80 -10.79 -9.17
CA LYS A 114 18.84 -9.90 -8.71
C LYS A 114 20.06 -10.06 -9.62
N ASP A 115 20.95 -9.08 -9.61
CA ASP A 115 22.20 -9.20 -10.35
C ASP A 115 23.33 -8.64 -9.48
N ASN A 116 24.46 -8.29 -10.08
CA ASN A 116 25.59 -7.85 -9.27
C ASN A 116 25.27 -6.60 -8.46
N SER A 117 24.37 -5.74 -8.96
CA SER A 117 24.14 -4.45 -8.32
C SER A 117 22.77 -4.29 -7.69
N ASN A 118 21.73 -4.85 -8.30
CA ASN A 118 20.35 -4.47 -7.98
C ASN A 118 19.49 -5.67 -7.63
N LEU A 119 18.37 -5.34 -6.98
CA LEU A 119 17.21 -6.20 -6.77
C LEU A 119 16.07 -5.70 -7.65
N TYR A 120 15.32 -6.64 -8.23
CA TYR A 120 14.23 -6.32 -9.16
C TYR A 120 12.95 -7.03 -8.79
N MET A 121 11.87 -6.26 -8.74
CA MET A 121 10.53 -6.81 -8.53
C MET A 121 9.67 -6.33 -9.68
N VAL A 122 9.21 -7.26 -10.51
CA VAL A 122 8.52 -6.95 -11.76
C VAL A 122 7.05 -7.26 -11.56
N MET A 123 6.21 -6.21 -11.59
CA MET A 123 4.80 -6.29 -11.26
C MET A 123 3.97 -5.99 -12.50
N GLU A 124 2.77 -6.56 -12.59
CA GLU A 124 1.87 -6.20 -13.68
CA GLU A 124 1.87 -6.20 -13.68
C GLU A 124 1.62 -4.70 -13.65
N TYR A 125 1.75 -4.04 -14.80
CA TYR A 125 1.65 -2.59 -14.84
C TYR A 125 0.20 -2.11 -14.71
N VAL A 126 -0.01 -1.06 -13.91
CA VAL A 126 -1.34 -0.48 -13.69
C VAL A 126 -1.33 0.91 -14.31
N PRO A 127 -1.89 1.11 -15.52
CA PRO A 127 -1.67 2.38 -16.25
C PRO A 127 -2.47 3.57 -15.76
N GLY A 128 -3.41 3.38 -14.84
CA GLY A 128 -4.27 4.49 -14.47
C GLY A 128 -3.67 5.51 -13.52
N GLY A 129 -2.50 5.25 -12.96
CA GLY A 129 -1.83 6.23 -12.12
C GLY A 129 -2.16 6.09 -10.64
N GLU A 130 -1.47 6.90 -9.85
CA GLU A 130 -1.71 6.94 -8.41
C GLU A 130 -3.01 7.64 -8.09
N MET A 131 -3.71 7.13 -7.08
CA MET A 131 -4.87 7.85 -6.56
C MET A 131 -4.53 9.29 -6.24
N PHE A 132 -3.33 9.52 -5.71
CA PHE A 132 -2.92 10.88 -5.35
C PHE A 132 -3.07 11.86 -6.50
N SER A 133 -2.66 11.46 -7.71
CA SER A 133 -2.81 12.35 -8.87
C SER A 133 -4.27 12.73 -9.08
N HIS A 134 -5.16 11.75 -9.07
CA HIS A 134 -6.56 12.00 -9.34
C HIS A 134 -7.19 12.84 -8.24
N LEU A 135 -6.83 12.56 -6.99
CA LEU A 135 -7.34 13.33 -5.86
C LEU A 135 -6.96 14.80 -6.00
N ARG A 136 -5.71 15.07 -6.37
CA ARG A 136 -5.25 16.45 -6.48
CA ARG A 136 -5.25 16.46 -6.47
C ARG A 136 -5.82 17.14 -7.71
N ARG A 137 -6.11 16.38 -8.77
CA ARG A 137 -6.73 16.93 -9.97
C ARG A 137 -8.18 17.34 -9.70
N ILE A 138 -8.92 16.48 -9.01
CA ILE A 138 -10.35 16.71 -8.74
C ILE A 138 -10.54 17.65 -7.56
N GLY A 139 -9.63 17.65 -6.58
CA GLY A 139 -9.73 18.46 -5.38
C GLY A 139 -10.06 17.65 -4.16
N ARG A 140 -11.23 17.03 -4.16
CA ARG A 140 -11.58 16.06 -3.12
C ARG A 140 -12.55 15.08 -3.78
N PHE A 141 -12.65 13.89 -3.20
CA PHE A 141 -13.63 12.90 -3.65
C PHE A 141 -14.94 13.08 -2.88
N SEP A 142 -16.07 12.92 -3.56
CA SEP A 142 -17.34 12.85 -2.87
CB SEP A 142 -18.47 12.68 -3.88
OG SEP A 142 -18.41 11.37 -4.38
C SEP A 142 -17.36 11.69 -1.86
O SEP A 142 -16.56 10.75 -1.98
P SEP A 142 -19.36 11.10 -5.68
O1P SEP A 142 -20.86 11.45 -5.30
O2P SEP A 142 -18.87 12.10 -6.84
O3P SEP A 142 -19.16 9.58 -6.15
N GLU A 143 -18.25 11.72 -0.88
CA GLU A 143 -18.25 10.61 0.07
C GLU A 143 -18.50 9.25 -0.59
N PRO A 144 -19.41 9.13 -1.57
CA PRO A 144 -19.55 7.81 -2.20
C PRO A 144 -18.26 7.36 -2.89
N HIS A 145 -17.54 8.29 -3.52
CA HIS A 145 -16.30 7.95 -4.20
C HIS A 145 -15.23 7.54 -3.19
N ALA A 146 -15.07 8.34 -2.12
CA ALA A 146 -14.13 7.96 -1.07
C ALA A 146 -14.50 6.61 -0.46
N ARG A 147 -15.81 6.35 -0.28
CA ARG A 147 -16.28 5.11 0.35
C ARG A 147 -16.00 3.89 -0.53
N PHE A 148 -16.14 4.04 -1.85
CA PHE A 148 -15.79 2.96 -2.76
C PHE A 148 -14.33 2.52 -2.60
N TYR A 149 -13.42 3.49 -2.52
CA TYR A 149 -12.01 3.18 -2.30
C TYR A 149 -11.77 2.65 -0.88
N ALA A 150 -12.38 3.28 0.12
CA ALA A 150 -12.18 2.85 1.50
C ALA A 150 -12.60 1.40 1.69
N ALA A 151 -13.73 1.00 1.08
CA ALA A 151 -14.18 -0.39 1.22
C ALA A 151 -13.14 -1.37 0.72
N GLN A 152 -12.47 -1.05 -0.39
CA GLN A 152 -11.40 -1.91 -0.89
C GLN A 152 -10.25 -1.98 0.10
N ILE A 153 -9.89 -0.88 0.74
CA ILE A 153 -8.82 -0.91 1.75
C ILE A 153 -9.25 -1.73 2.95
N VAL A 154 -10.51 -1.60 3.38
CA VAL A 154 -10.98 -2.37 4.54
C VAL A 154 -10.85 -3.86 4.26
N LEU A 155 -11.30 -4.29 3.06
CA LEU A 155 -11.19 -5.70 2.69
C LEU A 155 -9.73 -6.14 2.56
N THR A 156 -8.88 -5.27 2.00
CA THR A 156 -7.47 -5.63 1.84
C THR A 156 -6.79 -5.77 3.20
N PHE A 157 -7.09 -4.88 4.15
CA PHE A 157 -6.51 -4.98 5.49
C PHE A 157 -7.07 -6.18 6.25
N GLU A 158 -8.36 -6.49 6.06
CA GLU A 158 -8.89 -7.72 6.65
C GLU A 158 -8.10 -8.93 6.16
N TYR A 159 -7.85 -9.00 4.85
CA TYR A 159 -7.03 -10.06 4.28
C TYR A 159 -5.61 -10.06 4.86
N LEU A 160 -4.90 -8.93 4.77
CA LEU A 160 -3.51 -8.89 5.21
C LEU A 160 -3.39 -9.20 6.69
N HIS A 161 -4.27 -8.61 7.52
CA HIS A 161 -4.15 -8.85 8.95
C HIS A 161 -4.46 -10.31 9.30
N SER A 162 -5.31 -10.99 8.52
CA SER A 162 -5.60 -12.38 8.82
CA SER A 162 -5.62 -12.40 8.78
C SER A 162 -4.38 -13.26 8.58
N LEU A 163 -3.47 -12.81 7.73
CA LEU A 163 -2.21 -13.46 7.42
C LEU A 163 -1.11 -13.02 8.37
N ASP A 164 -1.45 -12.26 9.41
CA ASP A 164 -0.49 -11.69 10.36
C ASP A 164 0.45 -10.69 9.71
N LEU A 165 -0.02 -10.01 8.67
CA LEU A 165 0.75 -8.97 7.99
C LEU A 165 0.26 -7.58 8.39
N ILE A 166 1.19 -6.70 8.75
N ILE A 166 1.21 -6.66 8.57
CA ILE A 166 0.88 -5.28 8.88
CA ILE A 166 0.98 -5.27 8.90
C ILE A 166 1.40 -4.62 7.61
C ILE A 166 1.56 -4.42 7.77
N TYR A 167 0.70 -3.59 7.14
CA TYR A 167 1.08 -2.95 5.87
C TYR A 167 2.00 -1.73 6.06
N ARG A 168 1.60 -0.79 6.93
CA ARG A 168 2.43 0.31 7.44
C ARG A 168 2.85 1.35 6.41
N ASP A 169 2.23 1.41 5.22
CA ASP A 169 2.54 2.53 4.32
C ASP A 169 1.32 3.02 3.56
N LEU A 170 0.13 3.01 4.18
CA LEU A 170 -1.04 3.51 3.49
C LEU A 170 -0.94 5.01 3.23
N LYS A 171 -1.21 5.41 1.99
CA LYS A 171 -1.28 6.81 1.57
C LYS A 171 -1.72 6.81 0.11
N PRO A 172 -2.27 7.93 -0.38
CA PRO A 172 -2.80 7.93 -1.76
C PRO A 172 -1.76 7.64 -2.82
N GLU A 173 -0.49 7.97 -2.59
CA GLU A 173 0.54 7.69 -3.58
C GLU A 173 0.76 6.18 -3.79
N ASN A 174 0.38 5.35 -2.82
CA ASN A 174 0.59 3.92 -2.96
C ASN A 174 -0.64 3.17 -3.45
N LEU A 175 -1.70 3.87 -3.87
CA LEU A 175 -2.93 3.22 -4.31
C LEU A 175 -3.07 3.47 -5.80
N LEU A 176 -2.81 2.47 -6.62
CA LEU A 176 -2.91 2.65 -8.08
C LEU A 176 -4.35 2.40 -8.51
N ILE A 177 -4.81 3.13 -9.53
CA ILE A 177 -6.17 2.98 -10.07
C ILE A 177 -6.07 2.24 -11.39
N ASP A 178 -6.76 1.10 -11.47
CA ASP A 178 -6.61 0.24 -12.63
C ASP A 178 -7.64 0.55 -13.71
N GLN A 179 -7.66 -0.28 -14.76
CA GLN A 179 -8.48 0.00 -15.93
C GLN A 179 -9.97 -0.09 -15.62
N GLN A 180 -10.35 -0.74 -14.52
CA GLN A 180 -11.72 -0.84 -14.08
C GLN A 180 -12.07 0.23 -13.05
N GLY A 181 -11.12 1.08 -12.69
CA GLY A 181 -11.32 2.06 -11.65
C GLY A 181 -11.15 1.54 -10.24
N TYR A 182 -10.67 0.31 -10.06
CA TYR A 182 -10.43 -0.24 -8.73
C TYR A 182 -8.98 -0.02 -8.30
N ILE A 183 -8.74 -0.20 -6.99
CA ILE A 183 -7.42 0.01 -6.40
C ILE A 183 -6.53 -1.22 -6.56
N GLN A 184 -5.25 -0.97 -6.79
CA GLN A 184 -4.20 -1.96 -6.55
C GLN A 184 -3.19 -1.33 -5.62
N VAL A 185 -3.06 -1.88 -4.40
CA VAL A 185 -2.08 -1.39 -3.45
C VAL A 185 -0.68 -1.83 -3.85
N THR A 186 0.25 -0.88 -3.88
CA THR A 186 1.64 -1.15 -4.20
C THR A 186 2.53 -0.69 -3.04
N ASP A 187 3.81 -1.06 -3.11
CA ASP A 187 4.86 -0.70 -2.17
C ASP A 187 4.67 -1.41 -0.84
N PHE A 188 5.20 -2.63 -0.76
CA PHE A 188 5.22 -3.40 0.48
C PHE A 188 6.56 -3.27 1.20
N GLY A 189 7.28 -2.17 0.96
CA GLY A 189 8.59 -1.99 1.56
C GLY A 189 8.60 -1.90 3.06
N PHE A 190 7.48 -1.53 3.69
CA PHE A 190 7.39 -1.56 5.15
C PHE A 190 6.48 -2.66 5.67
N ALA A 191 5.97 -3.53 4.80
CA ALA A 191 5.05 -4.56 5.26
C ALA A 191 5.82 -5.66 6.00
N LYS A 192 5.20 -6.23 7.02
CA LYS A 192 5.93 -7.20 7.83
C LYS A 192 4.98 -8.24 8.39
N ARG A 193 5.46 -9.49 8.48
CA ARG A 193 4.71 -10.53 9.18
C ARG A 193 5.03 -10.44 10.67
N VAL A 194 4.00 -10.25 11.48
CA VAL A 194 4.10 -9.85 12.89
C VAL A 194 3.00 -10.63 13.62
N LYS A 195 3.37 -11.47 14.56
CA LYS A 195 2.43 -11.95 15.56
C LYS A 195 2.73 -11.15 16.82
N GLY A 196 1.80 -10.32 17.21
CA GLY A 196 2.02 -9.48 18.38
C GLY A 196 2.45 -8.08 17.99
N ARG A 197 3.44 -7.56 18.68
CA ARG A 197 3.90 -6.20 18.49
C ARG A 197 5.13 -6.14 17.61
N THR A 198 5.37 -4.96 17.06
CA THR A 198 6.61 -4.65 16.36
C THR A 198 7.01 -3.23 16.72
N TRP A 199 8.25 -2.86 16.39
CA TRP A 199 8.80 -1.62 16.97
C TRP A 199 9.47 -0.63 16.02
N TPO A 200 9.55 -0.93 14.72
CA TPO A 200 10.36 -0.08 13.83
CB TPO A 200 10.62 -0.76 12.49
CG2 TPO A 200 11.60 0.04 11.65
OG1 TPO A 200 11.17 -2.02 12.75
P TPO A 200 10.33 -3.38 12.31
O1P TPO A 200 10.25 -3.36 10.79
O2P TPO A 200 11.08 -4.59 12.86
O3P TPO A 200 8.97 -3.14 12.95
C TPO A 200 9.72 1.26 13.54
O TPO A 200 8.51 1.28 13.28
N LEU A 201 10.46 2.35 13.66
CA LEU A 201 9.94 3.63 13.22
C LEU A 201 9.97 3.66 11.71
N CYS A 202 8.81 3.57 11.08
CA CYS A 202 8.73 3.69 9.63
C CYS A 202 7.33 4.13 9.26
N GLY A 203 7.22 4.64 8.05
CA GLY A 203 5.98 5.15 7.50
C GLY A 203 6.21 6.55 6.96
N THR A 204 5.11 7.21 6.64
CA THR A 204 5.08 8.58 6.19
C THR A 204 4.54 9.46 7.31
N PRO A 205 5.16 10.60 7.62
CA PRO A 205 4.79 11.35 8.84
C PRO A 205 3.30 11.61 9.01
N GLU A 206 2.62 12.09 7.97
CA GLU A 206 1.21 12.43 8.07
C GLU A 206 0.33 11.26 8.45
N TYR A 207 0.79 10.04 8.19
CA TYR A 207 -0.01 8.83 8.38
C TYR A 207 0.36 8.04 9.62
N LEU A 208 1.34 8.49 10.40
CA LEU A 208 1.82 7.70 11.54
C LEU A 208 0.84 7.74 12.71
N ALA A 209 0.54 6.56 13.26
CA ALA A 209 -0.27 6.48 14.46
C ALA A 209 0.54 6.99 15.67
N PRO A 210 -0.15 7.52 16.69
CA PRO A 210 0.57 8.04 17.87
C PRO A 210 1.53 7.03 18.49
N GLU A 211 1.17 5.75 18.56
CA GLU A 211 2.03 4.80 19.23
C GLU A 211 3.33 4.55 18.45
N ILE A 212 3.33 4.76 17.13
CA ILE A 212 4.60 4.72 16.40
C ILE A 212 5.46 5.93 16.79
N ILE A 213 4.86 7.11 16.80
CA ILE A 213 5.57 8.34 17.14
C ILE A 213 6.19 8.25 18.53
N LEU A 214 5.48 7.61 19.46
CA LEU A 214 5.93 7.50 20.85
C LEU A 214 6.85 6.31 21.10
N SER A 215 7.32 5.63 20.03
CA SER A 215 8.29 4.55 20.15
C SER A 215 7.79 3.38 20.99
N LYS A 216 6.50 3.12 20.91
CA LYS A 216 5.91 1.99 21.61
CA LYS A 216 5.90 1.98 21.60
C LYS A 216 5.97 0.72 20.76
N GLY A 217 5.76 -0.41 21.40
CA GLY A 217 5.49 -1.65 20.68
C GLY A 217 4.08 -1.54 20.13
N TYR A 218 3.91 -1.68 18.83
CA TYR A 218 2.60 -1.44 18.23
C TYR A 218 2.16 -2.62 17.39
N ASN A 219 0.90 -2.59 16.94
CA ASN A 219 0.33 -3.75 16.28
C ASN A 219 -0.47 -3.30 15.05
N LYS A 220 -1.33 -4.17 14.54
N LYS A 220 -1.33 -4.19 14.55
CA LYS A 220 -2.06 -3.87 13.31
CA LYS A 220 -2.08 -3.90 13.32
C LYS A 220 -3.05 -2.72 13.45
C LYS A 220 -2.98 -2.68 13.44
N ALA A 221 -3.28 -2.22 14.66
CA ALA A 221 -4.12 -1.04 14.85
C ALA A 221 -3.55 0.19 14.16
N VAL A 222 -2.25 0.21 13.86
CA VAL A 222 -1.69 1.36 13.16
C VAL A 222 -2.22 1.45 11.73
N ASP A 223 -2.56 0.31 11.11
CA ASP A 223 -3.15 0.34 9.77
C ASP A 223 -4.55 0.94 9.80
N TRP A 224 -5.32 0.67 10.86
CA TRP A 224 -6.65 1.25 10.96
C TRP A 224 -6.59 2.75 11.22
N TRP A 225 -5.62 3.22 12.02
CA TRP A 225 -5.40 4.65 12.14
C TRP A 225 -5.12 5.26 10.77
N ALA A 226 -4.21 4.63 10.02
CA ALA A 226 -3.87 5.15 8.70
C ALA A 226 -5.07 5.16 7.77
N LEU A 227 -6.00 4.19 7.91
CA LEU A 227 -7.23 4.24 7.12
C LEU A 227 -8.04 5.48 7.44
N GLY A 228 -8.12 5.86 8.73
CA GLY A 228 -8.79 7.11 9.08
C GLY A 228 -8.12 8.32 8.43
N VAL A 229 -6.79 8.38 8.43
CA VAL A 229 -6.12 9.48 7.75
C VAL A 229 -6.45 9.49 6.26
N LEU A 230 -6.42 8.31 5.63
CA LEU A 230 -6.71 8.23 4.20
C LEU A 230 -8.13 8.68 3.89
N ILE A 231 -9.11 8.21 4.65
CA ILE A 231 -10.50 8.59 4.36
C ILE A 231 -10.68 10.09 4.53
N TYR A 232 -10.11 10.66 5.60
CA TYR A 232 -10.13 12.11 5.77
C TYR A 232 -9.52 12.81 4.56
N GLU A 233 -8.32 12.38 4.14
CA GLU A 233 -7.65 13.03 3.01
C GLU A 233 -8.46 12.91 1.72
N MET A 234 -9.05 11.74 1.46
CA MET A 234 -9.87 11.58 0.27
C MET A 234 -11.08 12.50 0.29
N ALA A 235 -11.76 12.61 1.44
CA ALA A 235 -13.00 13.37 1.51
C ALA A 235 -12.77 14.87 1.69
N ALA A 236 -11.64 15.27 2.26
CA ALA A 236 -11.36 16.69 2.44
C ALA A 236 -10.46 17.28 1.37
N GLY A 237 -9.56 16.47 0.81
CA GLY A 237 -8.57 16.91 -0.14
C GLY A 237 -7.22 17.18 0.46
N TYR A 238 -7.10 17.11 1.79
CA TYR A 238 -5.85 17.31 2.53
C TYR A 238 -5.91 16.44 3.78
N PRO A 239 -4.76 16.09 4.35
CA PRO A 239 -4.75 15.19 5.51
C PRO A 239 -5.10 15.93 6.79
N PRO A 240 -5.52 15.21 7.82
CA PRO A 240 -5.96 15.88 9.06
C PRO A 240 -4.82 16.53 9.85
N PHE A 241 -3.60 16.00 9.76
CA PHE A 241 -2.46 16.53 10.50
C PHE A 241 -1.36 16.91 9.51
N PHE A 242 -1.01 18.19 9.46
CA PHE A 242 0.05 18.60 8.56
C PHE A 242 0.72 19.84 9.11
N ALA A 243 1.98 20.03 8.70
CA ALA A 243 2.79 21.15 9.13
C ALA A 243 4.08 21.12 8.34
N ASP A 244 4.83 22.22 8.40
CA ASP A 244 6.06 22.26 7.62
CA ASP A 244 6.08 22.32 7.66
C ASP A 244 7.16 21.39 8.20
N GLN A 245 7.09 21.04 9.47
CA GLN A 245 8.10 20.18 10.05
C GLN A 245 7.44 18.93 10.63
N PRO A 246 8.04 17.75 10.42
CA PRO A 246 7.46 16.53 11.00
C PRO A 246 7.22 16.62 12.49
N ILE A 247 8.12 17.26 13.26
CA ILE A 247 7.91 17.36 14.70
C ILE A 247 6.59 18.06 15.02
N GLN A 248 6.22 19.04 14.19
CA GLN A 248 4.93 19.71 14.38
C GLN A 248 3.76 18.81 13.99
N ILE A 249 3.94 18.00 12.95
CA ILE A 249 2.91 17.02 12.61
C ILE A 249 2.70 16.05 13.75
N TYR A 250 3.82 15.59 14.32
CA TYR A 250 3.76 14.58 15.38
C TYR A 250 3.05 15.12 16.61
N GLU A 251 3.29 16.40 16.95
CA GLU A 251 2.59 16.99 18.08
C GLU A 251 1.08 17.05 17.84
N LYS A 252 0.67 17.34 16.60
CA LYS A 252 -0.76 17.33 16.30
C LYS A 252 -1.34 15.94 16.38
N ILE A 253 -0.61 14.94 15.88
CA ILE A 253 -1.10 13.57 15.89
C ILE A 253 -1.33 13.08 17.32
N VAL A 254 -0.36 13.30 18.21
CA VAL A 254 -0.49 12.77 19.56
CA VAL A 254 -0.48 12.78 19.56
C VAL A 254 -1.51 13.57 20.39
N SER A 255 -1.77 14.82 20.03
N SER A 255 -1.91 14.76 19.94
CA SER A 255 -2.96 15.47 20.56
CA SER A 255 -2.74 15.65 20.76
C SER A 255 -4.21 14.81 19.99
C SER A 255 -4.15 15.12 20.97
N GLY A 256 -4.14 14.42 18.72
N GLY A 256 -4.67 14.31 20.05
CA GLY A 256 -5.25 13.83 18.00
CA GLY A 256 -6.06 13.89 20.15
C GLY A 256 -6.39 14.81 17.83
C GLY A 256 -7.06 14.90 19.64
N LYS A 257 -6.16 16.08 18.16
N LYS A 257 -6.66 15.78 18.72
CA LYS A 257 -7.20 17.09 17.99
CA LYS A 257 -7.52 16.84 18.18
C LYS A 257 -7.50 17.22 16.51
C LYS A 257 -7.51 16.80 16.66
N VAL A 258 -8.70 16.83 16.09
CA VAL A 258 -8.97 16.79 14.65
C VAL A 258 -10.14 17.73 14.39
N ARG A 259 -10.00 18.57 13.38
CA ARG A 259 -11.08 19.44 12.94
C ARG A 259 -11.65 18.88 11.65
N PHE A 260 -12.97 18.79 11.55
CA PHE A 260 -13.60 18.24 10.36
C PHE A 260 -14.24 19.33 9.52
N PRO A 261 -14.11 19.28 8.19
CA PRO A 261 -14.83 20.23 7.34
C PRO A 261 -16.32 20.12 7.57
N SER A 262 -17.02 21.25 7.49
CA SER A 262 -18.47 21.23 7.68
C SER A 262 -19.17 20.38 6.63
N HIS A 263 -18.59 20.18 5.45
CA HIS A 263 -19.31 19.36 4.49
C HIS A 263 -19.27 17.88 4.81
N PHE A 264 -18.43 17.43 5.76
CA PHE A 264 -18.44 16.03 6.15
C PHE A 264 -19.80 15.65 6.72
N SER A 265 -20.32 14.48 6.33
CA SER A 265 -21.52 13.95 6.97
C SER A 265 -21.26 13.60 8.44
N SER A 266 -22.33 13.57 9.24
CA SER A 266 -22.19 13.15 10.62
C SER A 266 -21.67 11.73 10.72
N ASP A 267 -22.14 10.83 9.84
CA ASP A 267 -21.65 9.46 9.85
C ASP A 267 -20.15 9.42 9.59
N LEU A 268 -19.67 10.26 8.67
CA LEU A 268 -18.24 10.26 8.35
C LEU A 268 -17.43 10.74 9.54
N LYS A 269 -17.86 11.83 10.17
CA LYS A 269 -17.16 12.30 11.36
CA LYS A 269 -17.18 12.31 11.37
C LYS A 269 -17.14 11.25 12.45
N ASP A 270 -18.26 10.55 12.65
CA ASP A 270 -18.29 9.54 13.70
C ASP A 270 -17.31 8.41 13.40
N LEU A 271 -17.26 7.92 12.15
CA LEU A 271 -16.30 6.88 11.82
C LEU A 271 -14.88 7.37 12.02
N LEU A 272 -14.59 8.60 11.59
CA LEU A 272 -13.22 9.10 11.70
C LEU A 272 -12.80 9.29 13.14
N ARG A 273 -13.71 9.71 14.03
CA ARG A 273 -13.34 9.82 15.44
C ARG A 273 -12.93 8.48 16.02
N ASN A 274 -13.53 7.39 15.52
CA ASN A 274 -13.23 6.06 16.03
C ASN A 274 -12.02 5.41 15.36
N LEU A 275 -11.68 5.82 14.15
CA LEU A 275 -10.43 5.37 13.52
C LEU A 275 -9.23 6.19 14.00
N LEU A 276 -9.42 7.51 14.13
CA LEU A 276 -8.38 8.43 14.61
C LEU A 276 -8.43 8.56 16.12
N GLN A 277 -8.59 7.42 16.76
CA GLN A 277 -8.65 7.32 18.20
C GLN A 277 -7.22 7.15 18.71
N VAL A 278 -6.74 8.11 19.52
CA VAL A 278 -5.33 8.04 19.92
C VAL A 278 -5.06 6.87 20.85
N ASP A 279 -6.06 6.41 21.61
CA ASP A 279 -5.89 5.25 22.46
C ASP A 279 -6.10 4.01 21.61
N LEU A 280 -5.03 3.26 21.33
CA LEU A 280 -5.15 2.13 20.42
C LEU A 280 -6.09 1.05 20.94
N THR A 281 -6.30 0.99 22.27
CA THR A 281 -7.20 -0.01 22.82
C THR A 281 -8.67 0.32 22.59
N LYS A 282 -8.99 1.53 22.12
CA LYS A 282 -10.34 1.96 21.83
C LYS A 282 -10.58 2.17 20.34
N ARG A 283 -9.60 1.85 19.51
CA ARG A 283 -9.65 2.22 18.09
C ARG A 283 -10.42 1.16 17.30
N PHE A 284 -11.33 1.63 16.43
CA PHE A 284 -12.04 0.71 15.54
C PHE A 284 -11.06 -0.10 14.70
N GLY A 285 -11.40 -1.37 14.51
CA GLY A 285 -10.53 -2.34 13.91
C GLY A 285 -9.73 -3.11 14.93
N ASN A 286 -9.57 -2.56 16.14
CA ASN A 286 -8.79 -3.18 17.20
C ASN A 286 -9.63 -3.55 18.42
N LEU A 287 -10.95 -3.54 18.30
CA LEU A 287 -11.83 -3.98 19.37
C LEU A 287 -12.19 -5.46 19.22
N LYS A 288 -13.04 -5.96 20.11
CA LYS A 288 -13.38 -7.38 20.11
C LYS A 288 -13.97 -7.82 18.78
N ASN A 289 -14.79 -6.97 18.14
CA ASN A 289 -15.40 -7.32 16.87
C ASN A 289 -14.51 -7.07 15.67
N GLY A 290 -13.27 -6.60 15.89
CA GLY A 290 -12.32 -6.47 14.79
C GLY A 290 -12.85 -5.59 13.67
N VAL A 291 -12.67 -6.08 12.44
CA VAL A 291 -13.03 -5.29 11.27
C VAL A 291 -14.55 -5.09 11.16
N ASN A 292 -15.35 -5.89 11.87
CA ASN A 292 -16.78 -5.76 11.66
C ASN A 292 -17.35 -4.49 12.29
N ASP A 293 -16.67 -3.87 13.27
CA ASP A 293 -17.09 -2.55 13.74
C ASP A 293 -16.98 -1.52 12.65
N ILE A 294 -16.01 -1.69 11.74
CA ILE A 294 -15.89 -0.78 10.61
C ILE A 294 -16.92 -1.12 9.53
N LYS A 295 -16.98 -2.40 9.13
CA LYS A 295 -17.89 -2.80 8.06
C LYS A 295 -19.35 -2.51 8.39
N ASN A 296 -19.73 -2.57 9.67
CA ASN A 296 -21.10 -2.34 10.10
C ASN A 296 -21.37 -0.91 10.51
N HIS A 297 -20.39 -0.02 10.39
CA HIS A 297 -20.63 1.37 10.72
C HIS A 297 -21.60 2.00 9.73
N LYS A 298 -22.42 2.94 10.23
CA LYS A 298 -23.40 3.63 9.38
C LYS A 298 -22.79 4.25 8.12
N TRP A 299 -21.54 4.72 8.18
CA TRP A 299 -21.00 5.33 6.96
C TRP A 299 -20.89 4.32 5.83
N PHE A 300 -20.80 3.03 6.13
CA PHE A 300 -20.72 2.00 5.10
C PHE A 300 -22.06 1.32 4.84
N ALA A 301 -23.19 1.94 5.25
CA ALA A 301 -24.46 1.23 5.14
C ALA A 301 -24.83 0.89 3.69
N THR A 302 -24.40 1.70 2.72
CA THR A 302 -24.71 1.48 1.31
C THR A 302 -23.73 0.53 0.62
N THR A 303 -22.69 0.06 1.33
CA THR A 303 -21.64 -0.77 0.73
C THR A 303 -22.05 -2.24 0.67
N ASP A 304 -21.98 -2.80 -0.53
CA ASP A 304 -22.14 -4.23 -0.78
C ASP A 304 -20.75 -4.84 -0.78
N TRP A 305 -20.36 -5.38 0.38
CA TRP A 305 -18.99 -5.86 0.55
C TRP A 305 -18.65 -6.97 -0.43
N ILE A 306 -19.60 -7.89 -0.65
CA ILE A 306 -19.35 -8.97 -1.60
C ILE A 306 -19.20 -8.43 -3.02
N ALA A 307 -20.07 -7.51 -3.41
CA ALA A 307 -19.99 -6.94 -4.76
C ALA A 307 -18.68 -6.19 -4.97
N ILE A 308 -18.19 -5.49 -3.94
CA ILE A 308 -16.88 -4.84 -4.06
C ILE A 308 -15.79 -5.88 -4.28
N TYR A 309 -15.76 -6.90 -3.43
CA TYR A 309 -14.74 -7.96 -3.58
C TYR A 309 -14.78 -8.57 -4.98
N GLN A 310 -15.98 -8.86 -5.48
CA GLN A 310 -16.14 -9.46 -6.80
C GLN A 310 -15.95 -8.48 -7.94
N ARG A 311 -15.66 -7.19 -7.64
CA ARG A 311 -15.45 -6.16 -8.66
CA ARG A 311 -15.46 -6.16 -8.65
C ARG A 311 -16.67 -6.03 -9.57
N LYS A 312 -17.87 -6.10 -8.99
CA LYS A 312 -19.11 -5.97 -9.74
C LYS A 312 -19.75 -4.59 -9.61
N VAL A 313 -19.21 -3.73 -8.75
CA VAL A 313 -19.71 -2.37 -8.58
C VAL A 313 -19.11 -1.48 -9.66
N GLU A 314 -19.94 -0.67 -10.31
CA GLU A 314 -19.39 0.26 -11.29
C GLU A 314 -18.57 1.33 -10.57
N ALA A 315 -17.33 1.50 -10.99
CA ALA A 315 -16.47 2.45 -10.30
C ALA A 315 -16.92 3.89 -10.55
N PRO A 316 -16.64 4.80 -9.61
CA PRO A 316 -17.04 6.20 -9.82
C PRO A 316 -16.22 6.90 -10.87
N PHE A 317 -15.08 6.34 -11.25
CA PHE A 317 -14.12 7.03 -12.08
C PHE A 317 -13.26 6.00 -12.81
N ILE A 318 -13.14 6.11 -14.12
CA ILE A 318 -12.24 5.29 -14.93
C ILE A 318 -11.11 6.20 -15.42
N PRO A 319 -9.85 5.91 -15.13
CA PRO A 319 -8.77 6.75 -15.62
C PRO A 319 -8.74 6.75 -17.15
N LYS A 320 -8.33 7.89 -17.69
CA LYS A 320 -8.17 8.08 -19.12
C LYS A 320 -6.78 7.63 -19.53
N PHE A 321 -6.72 6.64 -20.40
CA PHE A 321 -5.43 6.20 -20.92
C PHE A 321 -5.71 5.44 -22.21
N LYS A 322 -4.67 5.31 -23.04
CA LYS A 322 -4.85 4.87 -24.41
C LYS A 322 -4.59 3.38 -24.61
N GLY A 323 -3.90 2.73 -23.69
CA GLY A 323 -3.58 1.33 -23.86
C GLY A 323 -2.65 0.91 -22.75
N PRO A 324 -2.27 -0.36 -22.76
CA PRO A 324 -1.49 -0.93 -21.64
C PRO A 324 -0.09 -0.38 -21.52
N GLY A 325 0.44 0.33 -22.53
CA GLY A 325 1.73 0.99 -22.43
C GLY A 325 1.68 2.49 -22.22
N ASP A 326 0.49 3.06 -22.02
N ASP A 326 0.49 3.06 -22.00
CA ASP A 326 0.35 4.51 -21.86
CA ASP A 326 0.32 4.49 -21.81
C ASP A 326 0.87 4.93 -20.48
C ASP A 326 0.89 4.91 -20.46
N THR A 327 1.73 5.95 -20.45
CA THR A 327 2.33 6.47 -19.23
C THR A 327 1.82 7.87 -18.85
N SER A 328 0.77 8.31 -19.55
N SER A 328 0.78 8.36 -19.52
CA SER A 328 0.26 9.67 -19.38
CA SER A 328 0.32 9.73 -19.34
C SER A 328 -0.12 9.99 -17.94
C SER A 328 -0.24 10.03 -17.95
N ASN A 329 -0.59 9.00 -17.18
CA ASN A 329 -1.08 9.23 -15.82
C ASN A 329 0.02 9.25 -14.77
N PHE A 330 1.26 9.07 -15.19
CA PHE A 330 2.45 9.24 -14.37
C PHE A 330 3.25 10.43 -14.89
N ASP A 331 4.15 10.92 -14.07
CA ASP A 331 4.82 12.17 -14.41
C ASP A 331 6.24 11.91 -14.88
N ASP A 332 7.02 12.98 -15.05
CA ASP A 332 8.29 12.91 -15.75
C ASP A 332 9.47 13.06 -14.80
N TYR A 333 10.44 12.16 -14.92
CA TYR A 333 11.62 12.10 -14.07
C TYR A 333 12.84 12.02 -14.97
N GLU A 334 13.96 12.54 -14.48
CA GLU A 334 15.22 12.38 -15.19
C GLU A 334 15.48 10.89 -15.44
N GLU A 335 15.83 10.56 -16.67
CA GLU A 335 16.09 9.16 -17.03
C GLU A 335 17.55 8.81 -16.75
N GLU A 336 17.76 7.89 -15.81
CA GLU A 336 19.08 7.48 -15.39
C GLU A 336 19.37 6.04 -15.82
N GLU A 337 20.67 5.71 -15.93
CA GLU A 337 21.08 4.36 -16.30
C GLU A 337 20.63 3.30 -15.28
N ILE A 338 20.45 2.08 -15.76
CA ILE A 338 20.37 0.90 -14.89
C ILE A 338 21.72 0.20 -15.02
N ARG A 339 22.66 0.58 -14.15
CA ARG A 339 24.01 0.05 -14.17
C ARG A 339 24.12 -1.26 -13.42
N VAL A 340 24.90 -2.17 -13.96
CA VAL A 340 25.12 -3.44 -13.30
C VAL A 340 26.62 -3.60 -13.19
N SEP A 341 27.15 -3.59 -11.97
CA SEP A 341 28.60 -3.68 -11.80
CB SEP A 341 28.96 -3.53 -10.32
OG SEP A 341 30.31 -3.89 -10.08
C SEP A 341 29.17 -4.97 -12.39
O SEP A 341 28.46 -5.96 -12.53
P SEP A 341 31.33 -2.66 -10.30
O1P SEP A 341 32.63 -2.99 -9.40
O2P SEP A 341 31.65 -2.60 -11.87
O3P SEP A 341 30.73 -1.26 -9.80
N ILE A 342 30.44 -4.92 -12.76
CA ILE A 342 31.12 -6.10 -13.24
C ILE A 342 31.41 -7.04 -12.06
N ASN A 343 31.35 -6.51 -10.85
CA ASN A 343 31.60 -7.24 -9.62
C ASN A 343 30.33 -7.35 -8.77
N GLU A 344 30.12 -8.51 -8.14
CA GLU A 344 28.96 -8.70 -7.28
C GLU A 344 29.07 -7.86 -6.02
N LYS A 345 27.98 -7.16 -5.68
CA LYS A 345 27.91 -6.34 -4.48
C LYS A 345 26.94 -6.97 -3.49
N CYS A 346 27.33 -7.04 -2.22
CA CYS A 346 26.42 -7.39 -1.12
C CYS A 346 25.71 -8.73 -1.36
N GLY A 347 26.44 -9.69 -1.91
CA GLY A 347 25.83 -10.97 -2.24
C GLY A 347 25.31 -11.70 -1.00
N LYS A 348 26.09 -11.69 0.08
CA LYS A 348 25.67 -12.40 1.28
CA LYS A 348 25.69 -12.39 1.30
C LYS A 348 24.40 -11.81 1.87
N GLU A 349 24.32 -10.49 1.95
CA GLU A 349 23.17 -9.83 2.59
C GLU A 349 21.86 -10.19 1.90
N PHE A 350 21.89 -10.45 0.60
CA PHE A 350 20.66 -10.67 -0.16
C PHE A 350 20.55 -12.10 -0.68
N THR A 351 21.19 -13.05 0.00
CA THR A 351 21.15 -14.44 -0.43
C THR A 351 19.73 -14.95 -0.63
N GLU A 352 18.81 -14.60 0.26
CA GLU A 352 17.48 -15.19 0.19
CA GLU A 352 17.47 -15.16 0.22
C GLU A 352 16.59 -14.52 -0.85
N PHE A 353 17.01 -13.41 -1.44
CA PHE A 353 16.15 -12.72 -2.40
C PHE A 353 16.05 -13.53 -3.69
C10 A1JEQ B . 4.44 5.66 -5.09
C13 A1JEQ B . 3.56 2.21 -11.17
C12 A1JEQ B . 4.09 3.36 -10.70
C11 A1JEQ B . 5.89 3.88 -4.96
C01 A1JEQ B . 2.26 -2.36 -10.43
C02 A1JEQ B . 2.85 -0.13 -10.95
C03 A1JEQ B . 3.51 1.08 -10.39
C04 A1JEQ B . 4.00 1.09 -9.10
C05 A1JEQ B . 4.51 2.25 -8.64
C06 A1JEQ B . 4.54 3.35 -9.44
C07 A1JEQ B . 5.45 3.85 -7.43
C08 A1JEQ B . 6.10 4.57 -6.32
C09 A1JEQ B . 5.51 5.96 -6.12
N01 A1JEQ B . 5.12 4.42 -8.72
N02 A1JEQ B . 5.05 2.53 -7.40
N03 A1JEQ B . 5.21 4.87 -4.13
O01 A1JEQ B . 2.93 -1.16 -10.08
O02 A1JEQ B . 2.23 -0.18 -12.02
C10 A1JEQ C . 0.03 12.13 1.81
C13 A1JEQ C . -0.20 20.03 3.69
C12 A1JEQ C . 0.64 18.97 3.83
C11 A1JEQ C . 0.01 14.04 0.43
C02 A1JEQ C . -2.12 21.20 2.78
C03 A1JEQ C . -1.28 19.97 2.86
C04 A1JEQ C . -1.54 18.84 2.15
C05 A1JEQ C . -0.71 17.79 2.30
C06 A1JEQ C . 0.35 17.86 3.14
C07 A1JEQ C . 0.30 15.81 2.18
C08 A1JEQ C . 0.62 14.41 1.77
C09 A1JEQ C . 0.00 13.36 2.70
N01 A1JEQ C . 1.05 16.63 3.11
N02 A1JEQ C . -0.77 16.54 1.70
N03 A1JEQ C . -0.47 12.65 0.52
O02 A1JEQ C . -3.14 21.30 2.13
S DMS D . -21.60 -0.21 -3.78
O DMS D . -20.94 -0.89 -2.62
C1 DMS D . -23.16 -1.10 -4.04
C2 DMS D . -22.36 1.31 -3.21
#